data_4KOQ
#
_entry.id   4KOQ
#
_cell.length_a   80.600
_cell.length_b   80.600
_cell.length_c   63.622
_cell.angle_alpha   90.000
_cell.angle_beta   90.000
_cell.angle_gamma   90.000
#
_symmetry.space_group_name_H-M   'P 4 21 2'
#
loop_
_entity.id
_entity.type
_entity.pdbx_description
1 polymer 'Single-stranded DNA-binding protein WHY3, chloroplastic'
2 non-polymer 'PHOSPHATE ION'
3 water water
#
_entity_poly.entity_id   1
_entity_poly.type   'polypeptide(L)'
_entity_poly.pdbx_seq_one_letter_code
;MAEVSSPRFYVGHSIYKGKAALTIEPRAPEFVALESGAFKLTKEGFLLLQFAPAAGVRQYDWSRKQVFSLSVTEIGNLVS
LGPRESCEFFHDPFKGKGDEGKVRKVLKVEPLPDGSGRFFNLSVQNKLLNVDESVYIPITKAEFAVLISAFNFVLPHLIG
WSAFANSIKAAALEHHHHHH
;
_entity_poly.pdbx_strand_id   A
#
# COMPACT_ATOMS: atom_id res chain seq x y z
N SER A 6 -20.60 -13.17 -2.52
CA SER A 6 -19.22 -12.87 -2.92
C SER A 6 -19.16 -11.69 -3.87
N PRO A 7 -19.98 -10.64 -3.63
CA PRO A 7 -19.90 -9.45 -4.49
C PRO A 7 -18.61 -8.67 -4.27
N ARG A 8 -18.11 -8.05 -5.33
CA ARG A 8 -16.91 -7.23 -5.27
C ARG A 8 -17.23 -5.91 -4.56
N PHE A 9 -16.32 -5.48 -3.69
CA PHE A 9 -16.44 -4.19 -2.99
C PHE A 9 -15.24 -3.28 -3.27
N TYR A 10 -15.51 -2.10 -3.83
CA TYR A 10 -14.50 -1.09 -4.05
C TYR A 10 -14.53 -0.14 -2.86
N VAL A 11 -13.49 -0.20 -2.06
CA VAL A 11 -13.49 0.54 -0.79
C VAL A 11 -12.14 1.24 -0.57
N GLY A 12 -11.57 1.78 -1.65
CA GLY A 12 -10.38 2.60 -1.54
C GLY A 12 -10.55 3.73 -0.53
N HIS A 13 -9.53 3.93 0.28
CA HIS A 13 -9.52 5.04 1.20
C HIS A 13 -8.66 6.13 0.58
N SER A 14 -9.23 7.32 0.39
CA SER A 14 -8.54 8.42 -0.25
C SER A 14 -8.23 9.66 0.61
N ILE A 15 -7.13 10.30 0.26
CA ILE A 15 -6.70 11.55 0.85
C ILE A 15 -6.47 12.50 -0.29
N TYR A 16 -7.18 13.62 -0.28
CA TYR A 16 -7.14 14.59 -1.36
C TYR A 16 -6.49 15.87 -0.90
N LYS A 17 -5.39 16.27 -1.55
CA LYS A 17 -4.73 17.47 -1.15
C LYS A 17 -4.59 18.42 -2.33
N GLY A 18 -3.94 19.54 -2.08
CA GLY A 18 -3.85 20.61 -3.06
C GLY A 18 -3.21 20.24 -4.37
N LYS A 19 -2.14 19.46 -4.31
CA LYS A 19 -1.31 19.15 -5.46
C LYS A 19 -1.35 17.68 -5.84
N ALA A 20 -1.98 16.85 -5.02
CA ALA A 20 -1.93 15.39 -5.24
C ALA A 20 -3.04 14.73 -4.44
N ALA A 21 -3.40 13.53 -4.89
CA ALA A 21 -4.29 12.61 -4.21
C ALA A 21 -3.61 11.26 -4.02
N LEU A 22 -4.03 10.53 -2.99
CA LEU A 22 -3.57 9.19 -2.71
C LEU A 22 -4.79 8.31 -2.39
N THR A 23 -4.91 7.17 -3.03
CA THR A 23 -5.94 6.22 -2.68
C THR A 23 -5.26 4.90 -2.32
N ILE A 24 -5.78 4.25 -1.28
CA ILE A 24 -5.21 3.02 -0.73
C ILE A 24 -6.29 1.95 -0.72
N GLU A 25 -6.00 0.87 -1.43
CA GLU A 25 -6.96 -0.25 -1.59
C GLU A 25 -6.39 -1.56 -1.12
N PRO A 26 -7.12 -2.26 -0.26
CA PRO A 26 -6.59 -3.56 0.13
C PRO A 26 -6.78 -4.63 -0.96
N ARG A 27 -5.89 -5.60 -0.94
CA ARG A 27 -5.91 -6.74 -1.87
C ARG A 27 -5.74 -8.01 -1.07
N ALA A 28 -6.60 -8.99 -1.34
CA ALA A 28 -6.70 -10.18 -0.51
C ALA A 28 -5.53 -11.12 -0.69
N PRO A 29 -5.25 -11.97 0.30
CA PRO A 29 -4.30 -13.03 0.01
C PRO A 29 -4.83 -14.01 -1.04
N GLU A 30 -3.93 -14.80 -1.63
CA GLU A 30 -4.30 -15.83 -2.60
C GLU A 30 -4.12 -17.19 -1.97
N PHE A 31 -5.04 -18.11 -2.31
CA PHE A 31 -5.05 -19.44 -1.77
C PHE A 31 -5.06 -20.44 -2.93
N VAL A 32 -4.65 -21.66 -2.66
CA VAL A 32 -4.89 -22.75 -3.61
C VAL A 32 -5.62 -23.86 -2.90
N ALA A 33 -6.42 -24.62 -3.63
CA ALA A 33 -7.14 -25.74 -3.04
C ALA A 33 -6.26 -26.98 -3.07
N LEU A 34 -6.11 -27.63 -1.92
CA LEU A 34 -5.36 -28.89 -1.86
C LEU A 34 -6.27 -30.08 -2.15
N GLU A 35 -5.67 -31.23 -2.45
CA GLU A 35 -6.45 -32.43 -2.78
C GLU A 35 -7.44 -32.77 -1.67
N SER A 36 -6.97 -32.66 -0.43
CA SER A 36 -7.80 -32.93 0.74
C SER A 36 -8.99 -31.99 0.86
N GLY A 37 -8.92 -30.84 0.18
CA GLY A 37 -9.99 -29.87 0.24
C GLY A 37 -9.67 -28.68 1.14
N ALA A 38 -8.60 -28.81 1.91
CA ALA A 38 -8.05 -27.69 2.66
C ALA A 38 -7.54 -26.65 1.65
N PHE A 39 -7.33 -25.42 2.13
CA PHE A 39 -6.74 -24.38 1.29
C PHE A 39 -5.43 -23.92 1.90
N LYS A 40 -4.49 -23.55 1.05
CA LYS A 40 -3.20 -23.12 1.52
C LYS A 40 -2.94 -21.72 0.98
N LEU A 41 -2.45 -20.85 1.86
CA LEU A 41 -2.17 -19.47 1.48
C LEU A 41 -0.92 -19.50 0.65
N THR A 42 -0.99 -18.99 -0.57
CA THR A 42 0.15 -19.01 -1.47
C THR A 42 0.74 -17.62 -1.71
N LYS A 43 -0.04 -16.57 -1.43
CA LYS A 43 0.47 -15.21 -1.52
C LYS A 43 -0.23 -14.31 -0.49
N GLU A 44 0.55 -13.62 0.32
CA GLU A 44 0.01 -12.65 1.25
C GLU A 44 -0.75 -11.60 0.52
N GLY A 45 -1.71 -11.02 1.23
CA GLY A 45 -2.35 -9.81 0.77
C GLY A 45 -1.42 -8.63 0.83
N PHE A 46 -1.87 -7.49 0.30
CA PHE A 46 -1.03 -6.28 0.33
C PHE A 46 -1.95 -5.09 0.15
N LEU A 47 -1.38 -3.89 0.21
CA LEU A 47 -2.13 -2.68 -0.03
C LEU A 47 -1.62 -2.02 -1.30
N LEU A 48 -2.54 -1.61 -2.15
CA LEU A 48 -2.20 -0.90 -3.37
C LEU A 48 -2.41 0.59 -3.18
N LEU A 49 -1.31 1.32 -3.31
CA LEU A 49 -1.31 2.77 -3.21
C LEU A 49 -1.28 3.38 -4.60
N GLN A 50 -2.19 4.31 -4.87
CA GLN A 50 -2.24 5.02 -6.16
C GLN A 50 -2.11 6.50 -5.92
N PHE A 51 -1.10 7.12 -6.54
CA PHE A 51 -0.83 8.54 -6.34
C PHE A 51 -1.14 9.23 -7.66
N ALA A 52 -1.80 10.38 -7.58
CA ALA A 52 -2.06 11.18 -8.79
C ALA A 52 -1.84 12.65 -8.56
N PRO A 53 -1.21 13.33 -9.54
CA PRO A 53 -0.93 14.76 -9.41
C PRO A 53 -2.20 15.57 -9.68
N ALA A 54 -2.34 16.75 -9.10
CA ALA A 54 -3.54 17.56 -9.35
C ALA A 54 -3.54 17.95 -10.84
N ALA A 55 -4.72 18.04 -11.46
CA ALA A 55 -4.85 18.37 -12.87
C ALA A 55 -5.87 19.47 -13.15
N GLY A 56 -6.50 19.98 -12.10
CA GLY A 56 -7.55 20.98 -12.24
C GLY A 56 -8.36 21.08 -10.96
N VAL A 57 -9.30 22.02 -10.91
CA VAL A 57 -10.11 22.21 -9.71
C VAL A 57 -10.77 20.91 -9.31
N ARG A 58 -10.52 20.51 -8.07
CA ARG A 58 -11.02 19.25 -7.52
C ARG A 58 -10.84 18.05 -8.44
N GLN A 59 -9.74 18.06 -9.22
CA GLN A 59 -9.50 17.02 -10.19
C GLN A 59 -8.04 16.57 -10.21
N TYR A 60 -7.86 15.27 -10.38
CA TYR A 60 -6.54 14.73 -10.40
C TYR A 60 -6.40 13.88 -11.65
N ASP A 61 -5.20 13.87 -12.18
CA ASP A 61 -4.93 13.16 -13.41
C ASP A 61 -4.56 11.70 -13.15
N TRP A 62 -5.58 10.86 -13.05
CA TRP A 62 -5.40 9.44 -12.79
C TRP A 62 -4.81 8.72 -13.97
N SER A 63 -4.82 9.37 -15.13
CA SER A 63 -4.22 8.77 -16.31
C SER A 63 -2.71 8.80 -16.15
N ARG A 64 -2.23 9.70 -15.29
CA ARG A 64 -0.80 9.78 -14.98
C ARG A 64 -0.46 9.26 -13.55
N LYS A 65 -1.33 8.40 -13.03
CA LYS A 65 -1.12 7.86 -11.69
C LYS A 65 0.12 6.99 -11.63
N GLN A 66 0.69 6.89 -10.44
CA GLN A 66 1.75 5.95 -10.20
C GLN A 66 1.32 5.08 -9.03
N VAL A 67 1.63 3.81 -9.11
CA VAL A 67 1.21 2.87 -8.07
C VAL A 67 2.36 2.16 -7.40
N PHE A 68 2.09 1.72 -6.16
CA PHE A 68 3.10 1.06 -5.37
C PHE A 68 2.36 0.02 -4.53
N SER A 69 2.88 -1.21 -4.48
CA SER A 69 2.28 -2.27 -3.70
C SER A 69 2.95 -2.45 -2.35
N LEU A 70 2.28 -2.06 -1.27
CA LEU A 70 2.86 -2.14 0.07
C LEU A 70 2.66 -3.52 0.64
N SER A 71 3.74 -4.21 0.93
CA SER A 71 3.70 -5.54 1.52
C SER A 71 3.37 -5.49 3.01
N VAL A 72 3.02 -6.65 3.53
CA VAL A 72 2.83 -6.80 4.97
C VAL A 72 3.99 -6.25 5.80
N THR A 73 5.23 -6.58 5.42
CA THR A 73 6.39 -6.11 6.20
C THR A 73 6.51 -4.60 6.12
N GLU A 74 6.26 -4.05 4.95
CA GLU A 74 6.28 -2.59 4.77
C GLU A 74 5.21 -1.86 5.57
N ILE A 75 4.01 -2.45 5.64
CA ILE A 75 3.00 -1.97 6.54
C ILE A 75 3.52 -2.02 7.94
N GLY A 76 4.22 -3.09 8.32
CA GLY A 76 4.79 -3.12 9.64
C GLY A 76 5.77 -1.99 9.92
N ASN A 77 6.55 -1.62 8.92
CA ASN A 77 7.43 -0.49 9.09
C ASN A 77 6.66 0.79 9.40
N LEU A 78 5.60 1.01 8.64
CA LEU A 78 4.80 2.23 8.79
C LEU A 78 4.13 2.30 10.13
N VAL A 79 3.62 1.17 10.64
CA VAL A 79 2.92 1.24 11.91
C VAL A 79 3.90 1.32 13.10
N SER A 80 5.19 1.18 12.87
CA SER A 80 6.15 1.27 13.97
C SER A 80 7.09 2.45 13.85
N LEU A 81 6.79 3.40 12.96
CA LEU A 81 7.70 4.53 12.81
C LEU A 81 7.76 5.40 14.06
N GLY A 82 8.97 5.73 14.51
CA GLY A 82 9.14 6.75 15.53
C GLY A 82 8.79 8.13 14.97
N PRO A 83 8.56 9.12 15.84
CA PRO A 83 8.19 10.48 15.44
C PRO A 83 9.20 11.20 14.55
N ARG A 84 10.47 10.81 14.56
CA ARG A 84 11.45 11.49 13.71
C ARG A 84 12.09 10.55 12.71
N GLU A 85 11.49 9.36 12.60
CA GLU A 85 12.01 8.32 11.76
C GLU A 85 11.39 8.37 10.37
N SER A 86 12.18 8.04 9.36
CA SER A 86 11.71 7.89 8.00
C SER A 86 11.87 6.46 7.56
N CYS A 87 11.11 6.06 6.56
CA CYS A 87 11.35 4.78 5.93
C CYS A 87 11.29 4.95 4.41
N GLU A 88 11.99 4.06 3.72
CA GLU A 88 12.13 4.13 2.26
C GLU A 88 12.13 2.72 1.73
N PHE A 89 11.27 2.47 0.77
CA PHE A 89 11.13 1.16 0.16
C PHE A 89 11.46 1.21 -1.32
N PHE A 90 12.23 0.23 -1.80
CA PHE A 90 12.63 0.16 -3.18
C PHE A 90 12.09 -1.10 -3.85
N HIS A 91 11.39 -0.91 -4.96
CA HIS A 91 10.80 -2.01 -5.70
C HIS A 91 11.22 -1.95 -7.16
N ASP A 92 11.59 -3.12 -7.69
CA ASP A 92 11.75 -3.32 -9.12
C ASP A 92 10.56 -4.11 -9.64
N PRO A 93 9.70 -3.47 -10.43
CA PRO A 93 8.43 -4.06 -10.90
C PRO A 93 8.63 -5.18 -11.93
N PHE A 94 9.85 -5.29 -12.46
CA PHE A 94 10.11 -6.30 -13.47
C PHE A 94 11.23 -7.20 -12.99
N LYS A 95 11.35 -7.37 -11.66
CA LYS A 95 12.33 -8.33 -11.14
C LYS A 95 12.00 -9.68 -11.73
N GLY A 96 13.04 -10.41 -12.14
CA GLY A 96 12.87 -11.65 -12.85
C GLY A 96 12.85 -11.38 -14.33
N LYS A 97 11.74 -10.79 -14.79
CA LYS A 97 11.53 -10.48 -16.20
C LYS A 97 12.67 -9.70 -16.87
N GLY A 98 12.80 -9.89 -18.18
CA GLY A 98 13.88 -9.27 -18.93
C GLY A 98 13.98 -7.75 -18.85
N ASP A 99 13.01 -7.12 -18.20
CA ASP A 99 13.09 -5.68 -17.98
C ASP A 99 13.65 -5.35 -16.59
N GLU A 100 14.11 -6.38 -15.88
CA GLU A 100 14.70 -6.16 -14.57
C GLU A 100 15.77 -5.08 -14.63
N GLY A 101 15.79 -4.23 -13.60
CA GLY A 101 16.81 -3.22 -13.45
C GLY A 101 16.59 -1.95 -14.23
N LYS A 102 15.54 -1.90 -15.05
CA LYS A 102 15.33 -0.72 -15.89
C LYS A 102 14.43 0.33 -15.22
N VAL A 103 13.59 -0.11 -14.30
CA VAL A 103 12.66 0.79 -13.60
C VAL A 103 12.74 0.56 -12.11
N ARG A 104 12.84 1.66 -11.35
CA ARG A 104 12.87 1.58 -9.90
C ARG A 104 11.73 2.42 -9.34
N LYS A 105 11.01 1.86 -8.39
CA LYS A 105 9.97 2.64 -7.68
C LYS A 105 10.41 2.73 -6.26
N VAL A 106 10.40 3.96 -5.75
CA VAL A 106 10.82 4.22 -4.42
C VAL A 106 9.72 4.97 -3.69
N LEU A 107 9.28 4.40 -2.58
CA LEU A 107 8.30 5.08 -1.72
C LEU A 107 9.06 5.53 -0.50
N LYS A 108 9.01 6.82 -0.19
CA LYS A 108 9.60 7.33 1.03
C LYS A 108 8.55 7.99 1.90
N VAL A 109 8.64 7.73 3.21
CA VAL A 109 7.78 8.34 4.19
C VAL A 109 8.58 9.04 5.26
N GLU A 110 8.34 10.34 5.40
CA GLU A 110 9.15 11.21 6.23
C GLU A 110 8.30 12.00 7.19
N PRO A 111 8.88 12.36 8.34
CA PRO A 111 8.17 13.21 9.29
C PRO A 111 8.11 14.62 8.74
N LEU A 112 7.02 15.34 9.00
CA LEU A 112 6.99 16.76 8.65
C LEU A 112 7.72 17.51 9.75
N PRO A 113 8.52 18.52 9.35
CA PRO A 113 9.59 19.13 10.16
C PRO A 113 9.06 19.79 11.43
N ASP A 114 7.76 20.01 11.50
CA ASP A 114 7.16 20.64 12.66
C ASP A 114 6.31 19.68 13.50
N GLY A 115 6.34 18.39 13.18
CA GLY A 115 5.63 17.38 13.98
C GLY A 115 4.17 17.18 13.60
N SER A 116 3.76 17.83 12.52
CA SER A 116 2.37 17.93 12.15
C SER A 116 1.91 16.79 11.23
N GLY A 117 2.73 15.76 11.04
CA GLY A 117 2.29 14.67 10.18
C GLY A 117 3.41 14.07 9.37
N ARG A 118 3.06 13.53 8.20
CA ARG A 118 4.01 12.76 7.39
C ARG A 118 3.99 13.20 5.92
N PHE A 119 5.12 13.03 5.25
CA PHE A 119 5.25 13.38 3.85
C PHE A 119 5.46 12.08 3.11
N PHE A 120 4.55 11.71 2.20
CA PHE A 120 4.74 10.54 1.38
C PHE A 120 5.26 10.95 0.01
N ASN A 121 6.20 10.18 -0.51
CA ASN A 121 6.69 10.47 -1.85
C ASN A 121 6.82 9.19 -2.62
N LEU A 122 6.22 9.09 -3.80
CA LEU A 122 6.52 7.98 -4.69
C LEU A 122 7.28 8.49 -5.92
N SER A 123 8.46 7.91 -6.18
CA SER A 123 9.27 8.32 -7.32
C SER A 123 9.42 7.09 -8.16
N VAL A 124 9.07 7.19 -9.44
CA VAL A 124 9.18 6.07 -10.35
C VAL A 124 10.21 6.49 -11.43
N GLN A 125 11.32 5.77 -11.51
CA GLN A 125 12.49 6.25 -12.21
C GLN A 125 12.78 5.31 -13.35
N ASN A 126 12.79 5.84 -14.56
CA ASN A 126 13.23 5.09 -15.73
C ASN A 126 14.51 5.72 -16.24
N LYS A 127 15.64 5.10 -15.90
CA LYS A 127 16.97 5.69 -16.17
C LYS A 127 17.29 5.74 -17.66
N LEU A 128 17.02 4.65 -18.37
CA LEU A 128 17.25 4.60 -19.82
C LEU A 128 16.49 5.71 -20.55
N LEU A 129 15.37 6.14 -19.98
CA LEU A 129 14.52 7.15 -20.58
C LEU A 129 14.73 8.53 -19.94
N ASN A 130 15.66 8.61 -18.98
CA ASN A 130 15.93 9.86 -18.25
C ASN A 130 14.68 10.55 -17.71
N VAL A 131 13.79 9.77 -17.12
CA VAL A 131 12.60 10.32 -16.52
C VAL A 131 12.45 9.82 -15.08
N ASP A 132 12.15 10.76 -14.20
CA ASP A 132 11.79 10.50 -12.82
C ASP A 132 10.41 11.14 -12.67
N GLU A 133 9.38 10.33 -12.42
CA GLU A 133 8.05 10.85 -12.15
C GLU A 133 7.83 10.70 -10.64
N SER A 134 7.62 11.80 -9.95
CA SER A 134 7.65 11.85 -8.49
C SER A 134 6.39 12.58 -8.03
N VAL A 135 5.65 11.98 -7.11
CA VAL A 135 4.42 12.57 -6.58
C VAL A 135 4.58 12.65 -5.07
N TYR A 136 4.34 13.82 -4.50
CA TYR A 136 4.45 14.03 -3.05
C TYR A 136 3.09 14.36 -2.52
N ILE A 137 2.79 13.88 -1.32
CA ILE A 137 1.53 14.28 -0.69
C ILE A 137 1.76 14.37 0.81
N PRO A 138 1.38 15.50 1.40
CA PRO A 138 1.44 15.62 2.86
C PRO A 138 0.23 15.00 3.54
N ILE A 139 0.48 14.33 4.66
CA ILE A 139 -0.52 13.58 5.40
C ILE A 139 -0.48 14.16 6.81
N THR A 140 -1.59 14.66 7.32
CA THR A 140 -1.62 15.18 8.70
C THR A 140 -1.46 14.09 9.70
N LYS A 141 -1.14 14.46 10.96
CA LYS A 141 -1.06 13.48 12.04
C LYS A 141 -2.39 12.71 12.18
N ALA A 142 -3.51 13.41 12.04
CA ALA A 142 -4.85 12.79 12.14
C ALA A 142 -5.11 11.81 11.01
N GLU A 143 -4.72 12.18 9.79
CA GLU A 143 -4.87 11.29 8.65
C GLU A 143 -3.95 10.08 8.78
N PHE A 144 -2.75 10.30 9.28
CA PHE A 144 -1.83 9.19 9.46
C PHE A 144 -2.36 8.25 10.54
N ALA A 145 -3.00 8.79 11.58
CA ALA A 145 -3.59 7.95 12.61
C ALA A 145 -4.69 7.01 12.09
N VAL A 146 -5.47 7.51 11.15
CA VAL A 146 -6.49 6.72 10.46
C VAL A 146 -5.78 5.57 9.76
N LEU A 147 -4.71 5.89 9.02
CA LEU A 147 -3.91 4.80 8.38
C LEU A 147 -3.35 3.78 9.35
N ILE A 148 -2.76 4.23 10.43
CA ILE A 148 -2.29 3.29 11.44
C ILE A 148 -3.39 2.37 11.95
N SER A 149 -4.56 2.92 12.26
CA SER A 149 -5.67 2.08 12.69
C SER A 149 -6.08 1.08 11.61
N ALA A 150 -6.24 1.56 10.36
CA ALA A 150 -6.66 0.71 9.26
C ALA A 150 -5.60 -0.36 8.95
N PHE A 151 -4.32 0.02 9.03
CA PHE A 151 -3.22 -0.90 8.75
C PHE A 151 -3.13 -2.01 9.82
N ASN A 152 -3.23 -1.62 11.09
CA ASN A 152 -3.27 -2.63 12.15
C ASN A 152 -4.48 -3.55 12.02
N PHE A 153 -5.62 -3.00 11.65
CA PHE A 153 -6.79 -3.80 11.36
C PHE A 153 -6.54 -4.84 10.26
N VAL A 154 -5.93 -4.40 9.17
CA VAL A 154 -5.91 -5.20 7.97
C VAL A 154 -4.82 -6.26 7.98
N LEU A 155 -3.78 -6.05 8.77
CA LEU A 155 -2.66 -6.96 8.74
C LEU A 155 -3.02 -8.45 8.97
N PRO A 156 -3.84 -8.75 10.00
CA PRO A 156 -4.26 -10.16 10.21
C PRO A 156 -5.04 -10.77 9.06
N HIS A 157 -5.78 -9.96 8.32
CA HIS A 157 -6.45 -10.43 7.12
C HIS A 157 -5.50 -10.67 5.99
N LEU A 158 -4.48 -9.81 5.85
CA LEU A 158 -3.55 -9.97 4.75
C LEU A 158 -2.70 -11.23 4.88
N ILE A 159 -2.47 -11.67 6.11
CA ILE A 159 -1.68 -12.88 6.35
C ILE A 159 -2.56 -14.13 6.50
N GLY A 160 -3.85 -13.97 6.32
CA GLY A 160 -4.80 -15.08 6.35
C GLY A 160 -5.28 -15.54 7.69
N TRP A 161 -4.96 -14.82 8.76
CA TRP A 161 -5.30 -15.26 10.08
C TRP A 161 -6.76 -15.00 10.40
N SER A 162 -7.44 -14.17 9.62
CA SER A 162 -8.85 -13.93 9.90
C SER A 162 -9.61 -15.14 9.48
N ALA A 163 -9.13 -15.74 8.40
CA ALA A 163 -9.65 -17.00 7.93
C ALA A 163 -9.60 -18.04 9.08
N PHE A 164 -8.52 -18.04 9.86
CA PHE A 164 -8.39 -18.95 11.01
C PHE A 164 -9.35 -18.52 12.09
N ALA A 165 -9.35 -17.23 12.36
CA ALA A 165 -10.17 -16.67 13.44
C ALA A 165 -11.67 -16.96 13.32
N ASN A 166 -12.24 -16.64 12.18
CA ASN A 166 -13.67 -16.80 12.02
C ASN A 166 -14.06 -18.24 11.68
N SER A 167 -13.07 -19.13 11.65
CA SER A 167 -13.33 -20.56 11.44
C SER A 167 -13.46 -21.31 12.77
N ILE A 168 -13.01 -20.69 13.87
CA ILE A 168 -13.04 -21.35 15.16
C ILE A 168 -14.48 -21.66 15.59
N LYS A 169 -15.36 -20.69 15.39
CA LYS A 169 -16.75 -20.79 15.87
C LYS A 169 -17.50 -21.95 15.25
N ALA A 170 -17.14 -22.30 14.02
CA ALA A 170 -17.84 -23.34 13.28
C ALA A 170 -17.18 -24.71 13.45
N ALA A 171 -15.86 -24.76 13.26
CA ALA A 171 -15.11 -26.00 13.38
C ALA A 171 -15.29 -26.63 14.77
N ALA A 172 -15.35 -25.79 15.79
CA ALA A 172 -15.52 -26.26 17.16
C ALA A 172 -16.79 -27.11 17.31
N LEU A 173 -17.83 -26.74 16.56
CA LEU A 173 -19.09 -27.50 16.58
C LEU A 173 -18.92 -28.81 15.81
N GLU A 174 -18.35 -28.75 14.61
CA GLU A 174 -18.11 -29.95 13.82
C GLU A 174 -16.79 -30.59 14.22
#